data_6EUN
#
_entry.id   6EUN
#
_cell.length_a   69.761
_cell.length_b   39.778
_cell.length_c   255.494
_cell.angle_alpha   90.00
_cell.angle_beta   95.25
_cell.angle_gamma   90.00
#
_symmetry.space_group_name_H-M   'C 1 2 1'
#
loop_
_entity.id
_entity.type
_entity.pdbx_description
1 polymer Adhesin
2 non-polymer 'CHLORIDE ION'
3 non-polymer 1,2-ETHANEDIOL
4 non-polymer 'PHOSPHATE ION'
5 non-polymer 'CITRIC ACID'
6 non-polymer 'NONAETHYLENE GLYCOL'
7 non-polymer 1-ETHOXY-2-(2-ETHOXYETHOXY)ETHANE
8 non-polymer DI(HYDROXYETHYL)ETHER
9 non-polymer (4S)-2-METHYL-2,4-PENTANEDIOL
10 water water
#
_entity_poly.entity_id   1
_entity_poly.type   'polypeptide(L)'
_entity_poly.pdbx_seq_one_letter_code
;ATNDDDVKKAATVAIAAAYNNGQEINGFKAGETIYDIDEDGTITKKDATAADVEADDFKGLGLKKVVTNLTKTVNENKQN
VDAKVKAAESEIEKLTTKLADTDAALADTDAALDATTNALNKLGENITTFAEETKTNIVKIDEKLEAASKHHHHHH
;
_entity_poly.pdbx_strand_id   A,B,C
#
# COMPACT_ATOMS: atom_id res chain seq x y z
N ASP A 5 -44.17 5.15 -51.86
CA ASP A 5 -42.91 4.60 -52.38
C ASP A 5 -42.03 3.99 -51.29
N ASP A 6 -41.26 2.94 -51.63
CA ASP A 6 -40.34 2.25 -50.73
C ASP A 6 -39.07 3.06 -50.43
N VAL A 7 -38.75 4.04 -51.30
CA VAL A 7 -37.60 4.96 -51.15
C VAL A 7 -37.95 6.08 -50.16
N LYS A 8 -39.24 6.46 -50.06
CA LYS A 8 -39.78 7.45 -49.14
C LYS A 8 -39.65 6.89 -47.72
N LYS A 9 -40.07 5.63 -47.53
CA LYS A 9 -40.03 4.92 -46.26
C LYS A 9 -38.60 4.70 -45.80
N ALA A 10 -37.69 4.27 -46.72
CA ALA A 10 -36.27 4.01 -46.44
C ALA A 10 -35.52 5.25 -45.92
N ALA A 11 -35.83 6.44 -46.48
CA ALA A 11 -35.26 7.72 -46.09
C ALA A 11 -35.73 8.08 -44.68
N THR A 12 -37.02 7.80 -44.38
CA THR A 12 -37.66 8.04 -43.07
C THR A 12 -37.05 7.17 -41.98
N VAL A 13 -36.83 5.86 -42.27
CA VAL A 13 -36.23 4.92 -41.32
C VAL A 13 -34.79 5.38 -41.02
N ALA A 14 -34.03 5.73 -42.08
CA ALA A 14 -32.64 6.19 -42.00
C ALA A 14 -32.48 7.43 -41.14
N ILE A 15 -33.39 8.43 -41.27
CA ILE A 15 -33.40 9.65 -40.46
C ILE A 15 -33.61 9.28 -38.99
N ALA A 16 -34.64 8.47 -38.70
CA ALA A 16 -35.01 7.99 -37.37
C ALA A 16 -33.88 7.19 -36.73
N ALA A 17 -33.25 6.30 -37.52
CA ALA A 17 -32.13 5.46 -37.07
C ALA A 17 -30.91 6.32 -36.73
N ALA A 18 -30.57 7.32 -37.60
CA ALA A 18 -29.44 8.23 -37.41
C ALA A 18 -29.69 9.12 -36.19
N TYR A 19 -30.95 9.54 -36.02
CA TYR A 19 -31.38 10.33 -34.88
C TYR A 19 -31.15 9.54 -33.55
N ASN A 20 -31.63 8.26 -33.49
CA ASN A 20 -31.46 7.37 -32.35
C ASN A 20 -29.98 7.13 -32.04
N ASN A 21 -29.16 6.82 -33.06
CA ASN A 21 -27.75 6.59 -32.83
C ASN A 21 -27.09 7.82 -32.20
N GLY A 22 -27.47 9.01 -32.68
CA GLY A 22 -26.99 10.30 -32.18
C GLY A 22 -27.30 10.49 -30.71
N GLN A 23 -28.47 9.99 -30.25
CA GLN A 23 -28.91 10.06 -28.86
C GLN A 23 -28.10 9.07 -28.00
N GLU A 24 -27.66 7.97 -28.60
CA GLU A 24 -26.88 6.99 -27.88
C GLU A 24 -25.47 7.54 -27.61
N ILE A 25 -24.93 8.34 -28.55
CA ILE A 25 -23.62 8.99 -28.48
C ILE A 25 -23.69 10.27 -27.60
N ASN A 26 -24.72 11.12 -27.82
CA ASN A 26 -24.85 12.43 -27.16
C ASN A 26 -25.89 12.54 -26.02
N GLY A 27 -26.68 11.50 -25.77
CA GLY A 27 -27.67 11.49 -24.69
C GLY A 27 -29.02 12.11 -24.98
N PHE A 28 -29.94 11.97 -24.00
CA PHE A 28 -31.32 12.48 -24.02
C PHE A 28 -31.79 12.85 -22.59
N LYS A 29 -32.97 13.49 -22.48
CA LYS A 29 -33.61 13.92 -21.22
C LYS A 29 -35.15 13.71 -21.32
N ALA A 30 -35.86 13.77 -20.18
CA ALA A 30 -37.33 13.63 -20.18
C ALA A 30 -37.96 14.80 -20.96
N GLY A 31 -38.83 14.47 -21.90
CA GLY A 31 -39.49 15.43 -22.77
C GLY A 31 -38.99 15.38 -24.20
N GLU A 32 -37.66 15.19 -24.38
CA GLU A 32 -36.96 15.08 -25.67
C GLU A 32 -37.59 14.01 -26.54
N THR A 33 -37.78 14.29 -27.85
CA THR A 33 -38.36 13.34 -28.82
C THR A 33 -37.46 12.11 -29.02
N ILE A 34 -38.05 10.91 -28.91
CA ILE A 34 -37.36 9.63 -29.12
C ILE A 34 -38.13 8.83 -30.17
N TYR A 35 -37.41 8.07 -31.00
CA TYR A 35 -38.06 7.28 -32.04
C TYR A 35 -37.89 5.80 -31.79
N ASP A 36 -38.99 5.05 -31.86
CA ASP A 36 -38.96 3.60 -31.69
C ASP A 36 -39.22 2.99 -33.06
N ILE A 37 -38.25 2.22 -33.57
CA ILE A 37 -38.40 1.61 -34.90
C ILE A 37 -38.76 0.13 -34.75
N ASP A 38 -39.89 -0.25 -35.34
CA ASP A 38 -40.44 -1.61 -35.36
C ASP A 38 -39.63 -2.51 -36.29
N GLU A 39 -39.83 -3.83 -36.18
CA GLU A 39 -39.20 -4.82 -37.06
C GLU A 39 -39.81 -4.67 -38.46
N ASP A 40 -41.10 -4.23 -38.51
CA ASP A 40 -41.89 -3.93 -39.71
C ASP A 40 -41.45 -2.61 -40.38
N GLY A 41 -40.51 -1.91 -39.76
CA GLY A 41 -39.99 -0.63 -40.24
C GLY A 41 -40.92 0.53 -39.93
N THR A 42 -41.86 0.30 -38.97
CA THR A 42 -42.85 1.28 -38.53
C THR A 42 -42.18 2.19 -37.49
N ILE A 43 -42.16 3.51 -37.77
CA ILE A 43 -41.53 4.47 -36.86
C ILE A 43 -42.58 5.12 -35.97
N THR A 44 -42.35 5.07 -34.65
CA THR A 44 -43.24 5.68 -33.66
C THR A 44 -42.53 6.86 -33.01
N LYS A 45 -43.17 8.05 -33.08
CA LYS A 45 -42.65 9.30 -32.51
C LYS A 45 -43.22 9.45 -31.09
N LYS A 46 -42.38 9.17 -30.09
CA LYS A 46 -42.75 9.25 -28.66
C LYS A 46 -42.00 10.41 -27.99
N ASP A 47 -42.18 10.57 -26.69
CA ASP A 47 -41.49 11.57 -25.90
C ASP A 47 -40.90 10.82 -24.71
N ALA A 48 -39.58 10.95 -24.51
CA ALA A 48 -38.86 10.27 -23.44
C ALA A 48 -39.47 10.60 -22.10
N THR A 49 -39.91 9.58 -21.36
CA THR A 49 -40.50 9.75 -20.04
C THR A 49 -39.38 9.70 -19.00
N ALA A 50 -39.72 9.88 -17.71
CA ALA A 50 -38.76 9.80 -16.63
C ALA A 50 -38.28 8.34 -16.46
N ALA A 51 -39.15 7.37 -16.88
CA ALA A 51 -38.91 5.93 -16.89
C ALA A 51 -37.83 5.55 -17.93
N ASP A 52 -38.01 6.03 -19.20
CA ASP A 52 -37.08 5.84 -20.32
C ASP A 52 -35.67 6.31 -19.92
N VAL A 53 -35.59 7.49 -19.27
CA VAL A 53 -34.35 8.10 -18.78
C VAL A 53 -33.75 7.30 -17.62
N GLU A 54 -34.50 7.12 -16.49
CA GLU A 54 -34.01 6.40 -15.29
C GLU A 54 -33.62 4.94 -15.55
N ALA A 55 -34.35 4.26 -16.45
CA ALA A 55 -34.04 2.86 -16.76
C ALA A 55 -33.26 2.68 -18.08
N ASP A 56 -32.38 3.64 -18.40
CA ASP A 56 -31.47 3.61 -19.56
C ASP A 56 -30.09 3.20 -19.03
N ASP A 57 -29.31 2.47 -19.86
CA ASP A 57 -27.96 1.98 -19.55
C ASP A 57 -27.08 3.04 -18.87
N PHE A 58 -27.10 4.30 -19.38
CA PHE A 58 -26.32 5.42 -18.86
C PHE A 58 -27.18 6.58 -18.35
N LYS A 59 -28.50 6.31 -18.21
CA LYS A 59 -29.53 7.23 -17.72
C LYS A 59 -29.57 8.55 -18.56
N GLY A 60 -29.60 8.36 -19.88
CA GLY A 60 -29.65 9.44 -20.87
C GLY A 60 -28.42 10.32 -21.01
N LEU A 61 -27.27 9.93 -20.42
CA LEU A 61 -26.03 10.72 -20.51
C LEU A 61 -25.35 10.68 -21.89
N GLY A 62 -25.41 9.52 -22.55
CA GLY A 62 -24.80 9.30 -23.85
C GLY A 62 -23.38 8.78 -23.67
N LEU A 63 -22.88 8.07 -24.68
CA LEU A 63 -21.55 7.46 -24.63
C LEU A 63 -20.40 8.46 -24.38
N LYS A 64 -20.43 9.65 -25.04
CA LYS A 64 -19.38 10.66 -24.87
C LYS A 64 -19.21 11.13 -23.40
N LYS A 65 -20.32 11.53 -22.76
CA LYS A 65 -20.35 12.01 -21.38
C LYS A 65 -19.88 10.94 -20.37
N VAL A 66 -20.32 9.67 -20.53
CA VAL A 66 -19.94 8.54 -19.67
C VAL A 66 -18.43 8.24 -19.75
N VAL A 67 -17.90 8.16 -20.98
CA VAL A 67 -16.47 7.93 -21.24
C VAL A 67 -15.61 9.11 -20.70
N THR A 68 -16.09 10.37 -20.81
CA THR A 68 -15.39 11.56 -20.28
C THR A 68 -15.33 11.48 -18.75
N ASN A 69 -16.45 11.11 -18.10
CA ASN A 69 -16.56 10.96 -16.65
C ASN A 69 -15.73 9.80 -16.16
N LEU A 70 -15.73 8.66 -16.90
CA LEU A 70 -14.94 7.47 -16.60
C LEU A 70 -13.44 7.80 -16.62
N THR A 71 -12.99 8.62 -17.57
CA THR A 71 -11.60 9.08 -17.69
C THR A 71 -11.23 9.89 -16.43
N LYS A 72 -12.19 10.72 -15.94
CA LYS A 72 -12.04 11.51 -14.72
C LYS A 72 -11.89 10.58 -13.50
N THR A 73 -12.75 9.54 -13.41
CA THR A 73 -12.73 8.54 -12.33
C THR A 73 -11.41 7.78 -12.30
N VAL A 74 -10.95 7.26 -13.47
CA VAL A 74 -9.72 6.50 -13.60
C VAL A 74 -8.50 7.27 -13.06
N ASN A 75 -8.36 8.54 -13.50
CA ASN A 75 -7.27 9.41 -13.10
C ASN A 75 -7.34 9.81 -11.63
N GLU A 76 -8.57 10.09 -11.11
CA GLU A 76 -8.82 10.47 -9.72
C GLU A 76 -8.49 9.29 -8.80
N ASN A 77 -8.93 8.07 -9.18
CA ASN A 77 -8.65 6.84 -8.43
C ASN A 77 -7.14 6.53 -8.41
N LYS A 78 -6.41 6.88 -9.49
CA LYS A 78 -4.95 6.67 -9.56
C LYS A 78 -4.23 7.67 -8.65
N GLN A 79 -4.64 8.95 -8.66
CA GLN A 79 -4.05 9.99 -7.80
C GLN A 79 -4.28 9.63 -6.32
N ASN A 80 -5.51 9.20 -6.00
CA ASN A 80 -5.93 8.84 -4.65
C ASN A 80 -5.15 7.66 -4.07
N VAL A 81 -4.96 6.58 -4.87
CA VAL A 81 -4.23 5.40 -4.40
C VAL A 81 -2.72 5.66 -4.37
N ASP A 82 -2.18 6.45 -5.32
CA ASP A 82 -0.74 6.79 -5.38
C ASP A 82 -0.30 7.50 -4.10
N ALA A 83 -1.17 8.36 -3.53
CA ALA A 83 -0.96 9.14 -2.31
C ALA A 83 -1.13 8.29 -1.05
N LYS A 84 -2.04 7.31 -1.08
CA LYS A 84 -2.27 6.39 0.05
C LYS A 84 -1.04 5.46 0.18
N VAL A 85 -0.52 4.99 -0.98
CA VAL A 85 0.68 4.14 -1.07
C VAL A 85 1.93 4.95 -0.67
N LYS A 86 1.99 6.25 -1.02
CA LYS A 86 3.12 7.11 -0.66
C LYS A 86 3.13 7.35 0.84
N ALA A 87 1.92 7.40 1.47
CA ALA A 87 1.74 7.59 2.90
C ALA A 87 2.24 6.34 3.65
N ALA A 88 1.78 5.14 3.23
CA ALA A 88 2.16 3.84 3.80
C ALA A 88 3.67 3.60 3.71
N GLU A 89 4.28 3.97 2.57
CA GLU A 89 5.72 3.83 2.35
C GLU A 89 6.54 4.74 3.25
N SER A 90 6.01 5.93 3.61
CA SER A 90 6.67 6.88 4.50
C SER A 90 6.63 6.35 5.93
N GLU A 91 5.52 5.67 6.30
CA GLU A 91 5.34 5.05 7.61
C GLU A 91 6.33 3.88 7.73
N ILE A 92 6.49 3.10 6.65
CA ILE A 92 7.43 1.98 6.55
C ILE A 92 8.87 2.52 6.71
N GLU A 93 9.20 3.64 6.05
CA GLU A 93 10.53 4.25 6.12
C GLU A 93 10.87 4.69 7.55
N LYS A 94 9.88 5.27 8.27
CA LYS A 94 10.05 5.74 9.64
C LYS A 94 10.17 4.58 10.65
N LEU A 95 9.49 3.45 10.39
CA LEU A 95 9.56 2.24 11.21
C LEU A 95 10.92 1.58 11.06
N THR A 96 11.50 1.65 9.85
CA THR A 96 12.81 1.10 9.49
C THR A 96 13.92 1.83 10.25
N THR A 97 13.87 3.18 10.26
CA THR A 97 14.87 4.00 10.92
C THR A 97 14.78 3.82 12.45
N LYS A 98 13.56 3.72 13.01
CA LYS A 98 13.34 3.54 14.44
C LYS A 98 13.81 2.15 14.89
N LEU A 99 13.53 1.09 14.07
CA LEU A 99 13.96 -0.28 14.38
C LEU A 99 15.49 -0.38 14.34
N ALA A 100 16.13 0.38 13.44
CA ALA A 100 17.60 0.41 13.32
C ALA A 100 18.23 1.08 14.56
N ASP A 101 17.55 2.12 15.11
CA ASP A 101 17.95 2.86 16.30
C ASP A 101 17.78 1.99 17.54
N THR A 102 16.75 1.11 17.55
CA THR A 102 16.44 0.20 18.63
C THR A 102 17.52 -0.88 18.72
N ASP A 103 17.88 -1.46 17.58
CA ASP A 103 18.90 -2.50 17.48
C ASP A 103 20.26 -1.98 17.90
N ALA A 104 20.54 -0.69 17.60
CA ALA A 104 21.79 -0.02 17.95
C ALA A 104 21.88 0.17 19.46
N ALA A 105 20.78 0.62 20.10
CA ALA A 105 20.68 0.82 21.54
C ALA A 105 20.79 -0.51 22.30
N LEU A 106 20.24 -1.61 21.72
CA LEU A 106 20.32 -2.93 22.30
C LEU A 106 21.77 -3.45 22.26
N ALA A 107 22.49 -3.20 21.16
CA ALA A 107 23.88 -3.61 21.01
C ALA A 107 24.74 -2.92 22.08
N ASP A 108 24.39 -1.65 22.45
CA ASP A 108 25.10 -0.86 23.46
C ASP A 108 24.82 -1.40 24.87
N THR A 109 23.55 -1.79 25.12
CA THR A 109 23.07 -2.40 26.35
C THR A 109 23.85 -3.70 26.60
N ASP A 110 23.98 -4.55 25.57
CA ASP A 110 24.71 -5.82 25.63
C ASP A 110 26.17 -5.64 25.98
N ALA A 111 26.84 -4.63 25.36
CA ALA A 111 28.23 -4.28 25.59
C ALA A 111 28.41 -3.82 27.04
N ALA A 112 27.47 -2.97 27.54
CA ALA A 112 27.48 -2.49 28.92
C ALA A 112 27.20 -3.65 29.92
N LEU A 113 26.27 -4.55 29.57
CA LEU A 113 25.98 -5.69 30.42
C LEU A 113 27.20 -6.62 30.51
N ASP A 114 27.86 -6.87 29.35
CA ASP A 114 29.09 -7.67 29.27
C ASP A 114 30.22 -7.01 30.12
N ALA A 115 30.37 -5.67 30.08
CA ALA A 115 31.38 -5.01 30.93
C ALA A 115 30.99 -5.16 32.42
N THR A 116 29.70 -5.03 32.78
CA THR A 116 29.25 -5.22 34.17
C THR A 116 29.49 -6.66 34.69
N THR A 117 29.15 -7.68 33.88
CA THR A 117 29.39 -9.11 34.21
C THR A 117 30.85 -9.40 34.43
N ASN A 118 31.71 -8.91 33.55
CA ASN A 118 33.15 -9.06 33.68
C ASN A 118 33.72 -8.40 34.93
N ALA A 119 33.25 -7.19 35.27
CA ALA A 119 33.70 -6.48 36.49
C ALA A 119 33.24 -7.21 37.77
N LEU A 120 32.04 -7.86 37.71
CA LEU A 120 31.50 -8.67 38.84
C LEU A 120 32.37 -9.95 39.08
N ASN A 121 32.74 -10.62 38.01
CA ASN A 121 33.59 -11.80 38.05
C ASN A 121 34.96 -11.51 38.58
N LYS A 122 35.57 -10.38 38.16
CA LYS A 122 36.89 -9.98 38.64
C LYS A 122 36.83 -9.66 40.13
N LEU A 123 35.79 -8.93 40.53
CA LEU A 123 35.58 -8.60 41.94
C LEU A 123 35.43 -9.87 42.78
N GLY A 124 34.61 -10.82 42.29
CA GLY A 124 34.44 -12.11 42.98
C GLY A 124 35.76 -12.85 43.12
N GLU A 125 36.59 -12.84 42.04
CA GLU A 125 37.93 -13.44 42.09
C GLU A 125 38.89 -12.74 43.11
N ASN A 126 38.84 -11.40 43.18
CA ASN A 126 39.66 -10.62 44.12
C ASN A 126 39.25 -10.81 45.57
N ILE A 127 37.93 -10.87 45.86
CA ILE A 127 37.41 -11.13 47.21
C ILE A 127 37.80 -12.51 47.63
N THR A 128 37.68 -13.52 46.75
CA THR A 128 38.08 -14.88 47.13
C THR A 128 39.55 -14.93 47.59
N THR A 129 40.46 -14.31 46.85
CA THR A 129 41.88 -14.29 47.21
C THR A 129 42.11 -13.59 48.57
N PHE A 130 41.50 -12.39 48.75
CA PHE A 130 41.60 -11.65 49.99
C PHE A 130 41.08 -12.46 51.17
N ALA A 131 39.90 -13.10 51.00
CA ALA A 131 39.29 -13.94 52.02
C ALA A 131 40.23 -15.12 52.38
N GLU A 132 40.82 -15.78 51.36
CA GLU A 132 41.76 -16.88 51.59
C GLU A 132 43.03 -16.40 52.34
N GLU A 133 43.61 -15.25 51.95
CA GLU A 133 44.80 -14.71 52.61
C GLU A 133 44.48 -14.25 54.01
N THR A 134 43.27 -13.69 54.27
CA THR A 134 42.82 -13.32 55.63
C THR A 134 42.68 -14.56 56.54
N LYS A 135 42.05 -15.67 56.06
CA LYS A 135 41.94 -16.86 56.90
C LYS A 135 43.34 -17.35 57.27
N THR A 136 44.25 -17.46 56.29
CA THR A 136 45.61 -17.89 56.55
C THR A 136 46.27 -17.06 57.69
N ASN A 137 46.13 -15.71 57.64
CA ASN A 137 46.70 -14.81 58.63
C ASN A 137 46.10 -14.95 60.00
N ILE A 138 44.76 -15.08 60.11
CA ILE A 138 44.08 -15.24 61.39
C ILE A 138 44.48 -16.57 62.02
N VAL A 139 44.60 -17.62 61.19
CA VAL A 139 44.99 -18.98 61.57
C VAL A 139 46.43 -18.98 62.11
N LYS A 140 47.37 -18.28 61.43
CA LYS A 140 48.76 -18.13 61.88
C LYS A 140 48.80 -17.44 63.26
N ILE A 141 48.10 -16.28 63.43
CA ILE A 141 48.02 -15.57 64.71
C ILE A 141 47.46 -16.49 65.82
N ASP A 142 46.38 -17.24 65.53
CA ASP A 142 45.73 -18.16 66.46
C ASP A 142 46.67 -19.23 66.99
N GLU A 143 47.60 -19.70 66.13
CA GLU A 143 48.64 -20.67 66.42
C GLU A 143 49.73 -20.04 67.28
N LYS A 144 50.15 -18.78 66.98
CA LYS A 144 51.13 -18.01 67.76
C LYS A 144 50.58 -17.75 69.19
N LEU A 145 49.25 -17.60 69.33
CA LEU A 145 48.61 -17.40 70.63
C LEU A 145 48.48 -18.73 71.40
N GLU A 146 48.01 -19.81 70.71
CA GLU A 146 47.84 -21.18 71.25
C GLU A 146 49.15 -21.80 71.73
N ALA A 147 50.27 -21.47 71.07
CA ALA A 147 51.60 -21.97 71.43
C ALA A 147 52.11 -21.18 72.64
N ALA A 148 51.93 -19.85 72.64
CA ALA A 148 52.35 -18.97 73.73
C ALA A 148 51.52 -19.22 75.03
N SER A 149 50.43 -20.01 74.92
CA SER A 149 49.56 -20.40 76.04
C SER A 149 50.09 -21.69 76.68
N LYS A 150 50.43 -22.70 75.84
CA LYS A 150 50.99 -23.99 76.28
C LYS A 150 52.45 -23.77 76.72
N HIS A 151 52.63 -23.44 78.01
CA HIS A 151 53.93 -23.19 78.63
C HIS A 151 54.24 -24.23 79.71
N ASP B 5 -38.06 17.90 -53.86
CA ASP B 5 -38.84 16.95 -53.07
C ASP B 5 -38.34 16.85 -51.63
N ASP B 6 -39.27 16.59 -50.68
CA ASP B 6 -38.97 16.43 -49.26
C ASP B 6 -38.28 15.10 -48.93
N VAL B 7 -38.40 14.10 -49.83
CA VAL B 7 -37.76 12.77 -49.73
C VAL B 7 -36.30 12.85 -50.17
N LYS B 8 -35.97 13.78 -51.09
CA LYS B 8 -34.62 14.06 -51.59
C LYS B 8 -33.80 14.64 -50.43
N LYS B 9 -34.40 15.65 -49.74
CA LYS B 9 -33.79 16.33 -48.60
C LYS B 9 -33.59 15.38 -47.43
N ALA B 10 -34.61 14.53 -47.10
CA ALA B 10 -34.56 13.55 -46.00
C ALA B 10 -33.43 12.52 -46.17
N ALA B 11 -33.17 12.07 -47.41
CA ALA B 11 -32.10 11.12 -47.74
C ALA B 11 -30.74 11.79 -47.53
N THR B 12 -30.64 13.09 -47.90
CA THR B 12 -29.43 13.92 -47.77
C THR B 12 -29.09 14.14 -46.30
N VAL B 13 -30.09 14.48 -45.47
CA VAL B 13 -29.90 14.68 -44.02
C VAL B 13 -29.42 13.38 -43.38
N ALA B 14 -30.07 12.25 -43.73
CA ALA B 14 -29.78 10.91 -43.24
C ALA B 14 -28.34 10.48 -43.52
N ILE B 15 -27.84 10.74 -44.75
CA ILE B 15 -26.46 10.43 -45.15
C ILE B 15 -25.49 11.23 -44.29
N ALA B 16 -25.73 12.56 -44.18
CA ALA B 16 -24.93 13.51 -43.41
C ALA B 16 -24.93 13.15 -41.92
N ALA B 17 -26.10 12.77 -41.38
CA ALA B 17 -26.26 12.37 -39.98
C ALA B 17 -25.50 11.07 -39.68
N ALA B 18 -25.61 10.05 -40.57
CA ALA B 18 -24.94 8.76 -40.44
C ALA B 18 -23.43 8.94 -40.55
N TYR B 19 -23.01 9.84 -41.45
CA TYR B 19 -21.62 10.21 -41.66
C TYR B 19 -21.04 10.78 -40.35
N ASN B 20 -21.72 11.80 -39.77
CA ASN B 20 -21.31 12.44 -38.53
C ASN B 20 -21.24 11.48 -37.34
N ASN B 21 -22.25 10.58 -37.20
CA ASN B 21 -22.23 9.61 -36.11
C ASN B 21 -21.02 8.67 -36.25
N GLY B 22 -20.70 8.29 -37.49
CA GLY B 22 -19.55 7.46 -37.81
C GLY B 22 -18.23 8.09 -37.39
N GLN B 23 -18.15 9.44 -37.46
CA GLN B 23 -16.96 10.20 -37.07
C GLN B 23 -16.87 10.29 -35.58
N GLU B 24 -18.02 10.23 -34.89
CA GLU B 24 -18.00 10.27 -33.43
C GLU B 24 -17.48 8.93 -32.89
N ILE B 25 -17.77 7.82 -33.58
CA ILE B 25 -17.34 6.47 -33.24
C ILE B 25 -15.90 6.22 -33.70
N ASN B 26 -15.55 6.62 -34.95
CA ASN B 26 -14.25 6.34 -35.57
C ASN B 26 -13.25 7.52 -35.66
N GLY B 27 -13.67 8.73 -35.29
CA GLY B 27 -12.79 9.89 -35.27
C GLY B 27 -12.66 10.67 -36.56
N PHE B 28 -11.90 11.78 -36.50
CA PHE B 28 -11.62 12.70 -37.60
C PHE B 28 -10.27 13.41 -37.40
N LYS B 29 -9.75 14.03 -38.47
CA LYS B 29 -8.48 14.77 -38.45
C LYS B 29 -8.63 16.08 -39.23
N ALA B 30 -7.67 17.02 -39.09
CA ALA B 30 -7.71 18.29 -39.82
C ALA B 30 -7.63 18.04 -41.33
N GLY B 31 -8.55 18.63 -42.08
CA GLY B 31 -8.65 18.46 -43.52
C GLY B 31 -9.85 17.62 -43.93
N GLU B 32 -10.14 16.56 -43.14
CA GLU B 32 -11.26 15.62 -43.34
C GLU B 32 -12.59 16.36 -43.47
N THR B 33 -13.48 15.90 -44.38
CA THR B 33 -14.80 16.52 -44.56
C THR B 33 -15.71 16.27 -43.33
N ILE B 34 -16.33 17.34 -42.81
CA ILE B 34 -17.27 17.30 -41.69
C ILE B 34 -18.57 17.97 -42.11
N TYR B 35 -19.70 17.46 -41.63
CA TYR B 35 -20.99 18.04 -41.98
C TYR B 35 -21.68 18.66 -40.78
N ASP B 36 -22.14 19.90 -40.94
CA ASP B 36 -22.86 20.59 -39.88
C ASP B 36 -24.32 20.66 -40.29
N ILE B 37 -25.20 20.04 -39.49
CA ILE B 37 -26.63 20.04 -39.82
C ILE B 37 -27.36 21.05 -38.95
N ASP B 38 -28.00 22.02 -39.63
CA ASP B 38 -28.79 23.10 -39.04
C ASP B 38 -30.13 22.55 -38.55
N GLU B 39 -30.78 23.28 -37.61
CA GLU B 39 -32.09 22.96 -37.04
C GLU B 39 -33.13 22.99 -38.16
N ASP B 40 -32.87 23.83 -39.19
CA ASP B 40 -33.65 24.01 -40.42
C ASP B 40 -33.46 22.83 -41.40
N GLY B 41 -32.56 21.90 -41.06
CA GLY B 41 -32.23 20.73 -41.87
C GLY B 41 -31.29 21.07 -43.00
N THR B 42 -30.63 22.24 -42.90
CA THR B 42 -29.66 22.75 -43.89
C THR B 42 -28.31 22.11 -43.61
N ILE B 43 -27.76 21.40 -44.61
CA ILE B 43 -26.48 20.72 -44.45
C ILE B 43 -25.36 21.56 -45.03
N THR B 44 -24.31 21.80 -44.21
CA THR B 44 -23.14 22.57 -44.62
C THR B 44 -21.93 21.64 -44.69
N LYS B 45 -21.27 21.59 -45.87
CA LYS B 45 -20.08 20.77 -46.12
C LYS B 45 -18.85 21.62 -45.82
N LYS B 46 -18.22 21.36 -44.68
CA LYS B 46 -17.02 22.08 -44.23
C LYS B 46 -15.81 21.14 -44.24
N ASP B 47 -14.66 21.64 -43.79
CA ASP B 47 -13.44 20.86 -43.65
C ASP B 47 -12.94 21.10 -42.25
N ALA B 48 -12.74 20.01 -41.48
CA ALA B 48 -12.30 20.06 -40.10
C ALA B 48 -11.01 20.85 -39.99
N THR B 49 -11.02 21.92 -39.19
CA THR B 49 -9.84 22.75 -38.98
C THR B 49 -9.06 22.19 -37.79
N ALA B 50 -7.91 22.80 -37.47
CA ALA B 50 -7.09 22.40 -36.32
C ALA B 50 -7.84 22.72 -35.01
N ALA B 51 -8.74 23.74 -35.07
CA ALA B 51 -9.61 24.21 -33.99
C ALA B 51 -10.67 23.16 -33.65
N ASP B 52 -11.41 22.69 -34.69
CA ASP B 52 -12.44 21.63 -34.61
C ASP B 52 -11.85 20.39 -33.93
N VAL B 53 -10.63 19.99 -34.33
CA VAL B 53 -9.89 18.85 -33.79
C VAL B 53 -9.44 19.09 -32.34
N GLU B 54 -8.64 20.15 -32.08
CA GLU B 54 -8.11 20.46 -30.74
C GLU B 54 -9.20 20.74 -29.69
N ALA B 55 -10.31 21.36 -30.08
CA ALA B 55 -11.40 21.64 -29.16
C ALA B 55 -12.58 20.66 -29.26
N ASP B 56 -12.30 19.39 -29.63
CA ASP B 56 -13.28 18.30 -29.67
C ASP B 56 -13.16 17.56 -28.35
N ASP B 57 -14.24 16.87 -27.94
CA ASP B 57 -14.34 16.09 -26.72
C ASP B 57 -13.16 15.13 -26.50
N PHE B 58 -12.77 14.38 -27.55
CA PHE B 58 -11.68 13.40 -27.54
C PHE B 58 -10.56 13.74 -28.54
N LYS B 59 -10.57 15.00 -29.02
CA LYS B 59 -9.62 15.59 -29.98
C LYS B 59 -9.54 14.75 -31.29
N GLY B 60 -10.72 14.45 -31.83
CA GLY B 60 -10.93 13.69 -33.06
C GLY B 60 -10.53 12.22 -33.06
N LEU B 61 -10.27 11.63 -31.86
CA LEU B 61 -9.88 10.21 -31.75
C LEU B 61 -11.02 9.22 -32.06
N GLY B 62 -12.24 9.58 -31.65
CA GLY B 62 -13.42 8.76 -31.79
C GLY B 62 -13.60 7.89 -30.58
N LEU B 63 -14.85 7.48 -30.33
CA LEU B 63 -15.19 6.67 -29.17
C LEU B 63 -14.42 5.34 -29.06
N LYS B 64 -14.25 4.61 -30.18
CA LYS B 64 -13.54 3.32 -30.20
C LYS B 64 -12.10 3.43 -29.68
N LYS B 65 -11.31 4.36 -30.26
CA LYS B 65 -9.91 4.60 -29.91
C LYS B 65 -9.75 5.01 -28.43
N VAL B 66 -10.63 5.91 -27.94
CA VAL B 66 -10.61 6.39 -26.57
C VAL B 66 -10.83 5.23 -25.58
N VAL B 67 -11.94 4.49 -25.76
CA VAL B 67 -12.31 3.32 -24.95
C VAL B 67 -11.20 2.23 -24.97
N THR B 68 -10.53 2.01 -26.13
CA THR B 68 -9.44 1.04 -26.27
C THR B 68 -8.24 1.49 -25.42
N ASN B 69 -7.92 2.80 -25.49
CA ASN B 69 -6.82 3.42 -24.73
C ASN B 69 -7.12 3.42 -23.26
N LEU B 70 -8.39 3.72 -22.87
CA LEU B 70 -8.86 3.72 -21.48
C LEU B 70 -8.72 2.33 -20.86
N THR B 71 -9.03 1.26 -21.63
CA THR B 71 -8.88 -0.14 -21.22
C THR B 71 -7.40 -0.43 -20.92
N LYS B 72 -6.49 0.12 -21.76
CA LYS B 72 -5.04 0.01 -21.60
C LYS B 72 -4.60 0.69 -20.31
N THR B 73 -5.12 1.92 -20.05
CA THR B 73 -4.81 2.70 -18.85
C THR B 73 -5.27 1.96 -17.58
N VAL B 74 -6.53 1.48 -17.56
CA VAL B 74 -7.11 0.77 -16.41
C VAL B 74 -6.26 -0.42 -15.99
N ASN B 75 -5.87 -1.27 -16.96
CA ASN B 75 -5.06 -2.47 -16.75
C ASN B 75 -3.64 -2.14 -16.33
N GLU B 76 -3.03 -1.11 -16.95
CA GLU B 76 -1.67 -0.63 -16.66
C GLU B 76 -1.61 -0.07 -15.23
N ASN B 77 -2.63 0.75 -14.85
CA ASN B 77 -2.75 1.32 -13.51
C ASN B 77 -2.94 0.22 -12.44
N LYS B 78 -3.63 -0.88 -12.79
CA LYS B 78 -3.85 -2.01 -11.88
C LYS B 78 -2.54 -2.79 -11.69
N GLN B 79 -1.79 -3.05 -12.78
CA GLN B 79 -0.50 -3.76 -12.71
C GLN B 79 0.50 -2.94 -11.87
N ASN B 80 0.54 -1.62 -12.11
CA ASN B 80 1.44 -0.69 -11.45
C ASN B 80 1.19 -0.61 -9.93
N VAL B 81 -0.08 -0.50 -9.50
CA VAL B 81 -0.41 -0.40 -8.08
C VAL B 81 -0.27 -1.76 -7.39
N ASP B 82 -0.61 -2.88 -8.08
CA ASP B 82 -0.49 -4.23 -7.54
C ASP B 82 0.97 -4.55 -7.13
N ALA B 83 1.94 -4.05 -7.92
CA ALA B 83 3.37 -4.22 -7.71
C ALA B 83 3.92 -3.29 -6.62
N LYS B 84 3.34 -2.08 -6.47
CA LYS B 84 3.73 -1.12 -5.44
C LYS B 84 3.28 -1.67 -4.08
N VAL B 85 2.05 -2.23 -4.04
CA VAL B 85 1.45 -2.86 -2.85
C VAL B 85 2.21 -4.16 -2.49
N LYS B 86 2.68 -4.93 -3.50
CA LYS B 86 3.45 -6.16 -3.27
C LYS B 86 4.82 -5.81 -2.68
N ALA B 87 5.39 -4.65 -3.11
CA ALA B 87 6.67 -4.15 -2.62
C ALA B 87 6.54 -3.74 -1.15
N ALA B 88 5.52 -2.92 -0.82
CA ALA B 88 5.22 -2.45 0.54
C ALA B 88 4.99 -3.62 1.51
N GLU B 89 4.26 -4.65 1.06
CA GLU B 89 3.96 -5.85 1.84
C GLU B 89 5.22 -6.67 2.15
N SER B 90 6.20 -6.67 1.22
CA SER B 90 7.47 -7.38 1.40
C SER B 90 8.34 -6.66 2.41
N GLU B 91 8.26 -5.31 2.43
CA GLU B 91 8.96 -4.46 3.37
C GLU B 91 8.36 -4.69 4.77
N ILE B 92 7.03 -4.79 4.85
CA ILE B 92 6.29 -5.08 6.08
C ILE B 92 6.70 -6.47 6.61
N GLU B 93 6.80 -7.47 5.72
CA GLU B 93 7.19 -8.82 6.11
C GLU B 93 8.60 -8.87 6.71
N LYS B 94 9.54 -8.11 6.12
CA LYS B 94 10.92 -8.02 6.58
C LYS B 94 11.06 -7.25 7.91
N LEU B 95 10.19 -6.25 8.14
CA LEU B 95 10.16 -5.47 9.39
C LEU B 95 9.63 -6.33 10.51
N THR B 96 8.67 -7.22 10.21
CA THR B 96 8.04 -8.15 11.14
C THR B 96 9.08 -9.17 11.65
N THR B 97 9.85 -9.77 10.74
CA THR B 97 10.86 -10.77 11.08
C THR B 97 12.00 -10.12 11.90
N LYS B 98 12.42 -8.89 11.55
CA LYS B 98 13.47 -8.16 12.24
C LYS B 98 13.01 -7.75 13.64
N LEU B 99 11.76 -7.28 13.78
CA LEU B 99 11.20 -6.90 15.08
C LEU B 99 11.07 -8.12 16.01
N ALA B 100 10.77 -9.29 15.43
CA ALA B 100 10.68 -10.54 16.19
C ALA B 100 12.06 -10.99 16.70
N ASP B 101 13.12 -10.73 15.90
CA ASP B 101 14.51 -11.03 16.22
C ASP B 101 15.02 -10.07 17.30
N THR B 102 14.52 -8.82 17.30
CA THR B 102 14.88 -7.79 18.27
C THR B 102 14.31 -8.13 19.64
N ASP B 103 13.03 -8.52 19.66
CA ASP B 103 12.31 -8.90 20.88
C ASP B 103 12.93 -10.13 21.51
N ALA B 104 13.44 -11.07 20.67
CA ALA B 104 14.08 -12.30 21.12
C ALA B 104 15.42 -11.98 21.78
N ALA B 105 16.22 -11.09 21.17
CA ALA B 105 17.52 -10.66 21.69
C ALA B 105 17.35 -9.86 23.01
N LEU B 106 16.24 -9.09 23.13
CA LEU B 106 15.95 -8.35 24.35
C LEU B 106 15.58 -9.31 25.50
N ALA B 107 14.82 -10.37 25.20
CA ALA B 107 14.44 -11.37 26.18
C ALA B 107 15.70 -12.07 26.73
N ASP B 108 16.74 -12.26 25.87
CA ASP B 108 17.99 -12.90 26.24
C ASP B 108 18.83 -11.98 27.14
N THR B 109 18.84 -10.66 26.80
CA THR B 109 19.47 -9.58 27.55
C THR B 109 18.91 -9.55 28.96
N ASP B 110 17.57 -9.60 29.10
CA ASP B 110 16.88 -9.59 30.39
C ASP B 110 17.25 -10.78 31.26
N ALA B 111 17.33 -11.99 30.66
CA ALA B 111 17.69 -13.23 31.33
C ALA B 111 19.14 -13.13 31.82
N ALA B 112 20.05 -12.61 30.98
CA ALA B 112 21.46 -12.38 31.33
C ALA B 112 21.58 -11.29 32.45
N LEU B 113 20.78 -10.21 32.35
CA LEU B 113 20.80 -9.16 33.36
C LEU B 113 20.36 -9.72 34.71
N ASP B 114 19.28 -10.52 34.72
CA ASP B 114 18.77 -11.18 35.93
C ASP B 114 19.79 -12.15 36.56
N ALA B 115 20.51 -12.96 35.76
CA ALA B 115 21.54 -13.85 36.30
C ALA B 115 22.68 -13.00 36.87
N THR B 116 23.08 -11.93 36.18
CA THR B 116 24.09 -11.00 36.73
C THR B 116 23.66 -10.35 38.08
N THR B 117 22.44 -9.85 38.16
CA THR B 117 21.87 -9.26 39.39
C THR B 117 21.86 -10.23 40.53
N ASN B 118 21.41 -11.48 40.28
CA ASN B 118 21.37 -12.53 41.30
C ASN B 118 22.74 -12.90 41.81
N ALA B 119 23.74 -12.99 40.92
CA ALA B 119 25.12 -13.28 41.30
C ALA B 119 25.71 -12.16 42.17
N LEU B 120 25.37 -10.89 41.85
CA LEU B 120 25.81 -9.71 42.64
C LEU B 120 25.26 -9.76 44.08
N ASN B 121 23.96 -10.11 44.20
CA ASN B 121 23.29 -10.22 45.48
C ASN B 121 23.87 -11.33 46.33
N LYS B 122 24.20 -12.48 45.72
CA LYS B 122 24.81 -13.61 46.41
C LYS B 122 26.20 -13.23 46.88
N LEU B 123 26.99 -12.59 46.01
CA LEU B 123 28.33 -12.15 46.38
C LEU B 123 28.26 -11.16 47.54
N GLY B 124 27.32 -10.19 47.48
CA GLY B 124 27.13 -9.24 48.57
C GLY B 124 26.82 -9.93 49.89
N GLU B 125 25.92 -10.94 49.88
CA GLU B 125 25.61 -11.67 51.13
C GLU B 125 26.82 -12.49 51.62
N ASN B 126 27.55 -13.13 50.71
CA ASN B 126 28.74 -13.90 51.08
C ASN B 126 29.83 -13.03 51.69
N ILE B 127 30.05 -11.84 51.14
CA ILE B 127 31.03 -10.87 51.69
C ILE B 127 30.57 -10.37 53.03
N THR B 128 29.27 -10.07 53.16
CA THR B 128 28.79 -9.59 54.45
C THR B 128 29.10 -10.61 55.58
N THR B 129 28.86 -11.91 55.33
CA THR B 129 29.10 -12.96 56.33
C THR B 129 30.57 -13.03 56.72
N PHE B 130 31.45 -13.08 55.68
CA PHE B 130 32.88 -13.14 55.84
C PHE B 130 33.42 -11.93 56.65
N ALA B 131 32.96 -10.72 56.33
CA ALA B 131 33.32 -9.49 57.05
C ALA B 131 32.89 -9.59 58.51
N GLU B 132 31.68 -10.09 58.77
CA GLU B 132 31.19 -10.26 60.15
C GLU B 132 32.06 -11.28 60.91
N GLU B 133 32.43 -12.42 60.29
CA GLU B 133 33.26 -13.44 60.94
C GLU B 133 34.67 -12.96 61.13
N THR B 134 35.21 -12.16 60.18
CA THR B 134 36.55 -11.56 60.34
C THR B 134 36.52 -10.58 61.52
N LYS B 135 35.50 -9.69 61.60
CA LYS B 135 35.41 -8.73 62.67
C LYS B 135 35.44 -9.46 64.03
N THR B 136 34.61 -10.49 64.21
CA THR B 136 34.52 -11.33 65.41
C THR B 136 35.87 -11.97 65.80
N ASN B 137 36.61 -12.54 64.82
CA ASN B 137 37.92 -13.12 65.06
C ASN B 137 38.94 -12.09 65.49
N ILE B 138 38.99 -10.91 64.85
CA ILE B 138 39.94 -9.86 65.21
C ILE B 138 39.67 -9.36 66.63
N VAL B 139 38.39 -9.25 66.98
CA VAL B 139 37.96 -8.79 68.30
C VAL B 139 38.34 -9.84 69.38
N LYS B 140 38.17 -11.14 69.09
CA LYS B 140 38.58 -12.19 70.03
C LYS B 140 40.09 -12.12 70.27
N ILE B 141 40.91 -12.00 69.20
CA ILE B 141 42.37 -11.89 69.29
C ILE B 141 42.78 -10.68 70.15
N ASP B 142 42.17 -9.50 69.92
CA ASP B 142 42.47 -8.28 70.66
C ASP B 142 42.21 -8.47 72.15
N GLU B 143 41.15 -9.20 72.50
CA GLU B 143 40.78 -9.50 73.87
C GLU B 143 41.79 -10.43 74.54
N LYS B 144 42.28 -11.48 73.83
CA LYS B 144 43.33 -12.39 74.34
C LYS B 144 44.63 -11.56 74.56
N LEU B 145 44.92 -10.59 73.70
CA LEU B 145 46.10 -9.73 73.84
C LEU B 145 45.95 -8.73 74.99
N GLU B 146 44.77 -8.07 75.10
CA GLU B 146 44.41 -7.10 76.15
C GLU B 146 44.42 -7.73 77.55
N ALA B 147 44.17 -9.05 77.63
CA ALA B 147 44.19 -9.82 78.88
C ALA B 147 45.64 -10.15 79.25
N ALA B 148 46.41 -10.73 78.29
CA ALA B 148 47.81 -11.14 78.46
C ALA B 148 48.80 -10.02 78.91
N SER B 149 48.32 -8.75 79.00
CA SER B 149 49.13 -7.60 79.45
C SER B 149 48.76 -7.18 80.88
N ASP C 5 -32.29 5.95 -59.86
CA ASP C 5 -32.22 7.30 -59.31
C ASP C 5 -31.14 7.43 -58.23
N ASP C 6 -30.54 8.63 -58.12
CA ASP C 6 -29.50 8.94 -57.12
C ASP C 6 -30.07 9.12 -55.71
N VAL C 7 -31.40 9.39 -55.59
CA VAL C 7 -32.12 9.52 -54.33
C VAL C 7 -32.45 8.14 -53.73
N LYS C 8 -32.63 7.13 -54.61
CA LYS C 8 -32.90 5.73 -54.26
C LYS C 8 -31.61 5.18 -53.60
N LYS C 9 -30.46 5.43 -54.26
CA LYS C 9 -29.13 5.02 -53.86
C LYS C 9 -28.75 5.65 -52.52
N ALA C 10 -28.99 6.98 -52.35
CA ALA C 10 -28.68 7.75 -51.13
C ALA C 10 -29.43 7.24 -49.89
N ALA C 11 -30.71 6.86 -50.06
CA ALA C 11 -31.56 6.31 -49.00
C ALA C 11 -31.01 4.95 -48.56
N THR C 12 -30.56 4.13 -49.55
CA THR C 12 -29.99 2.79 -49.34
C THR C 12 -28.68 2.86 -48.58
N VAL C 13 -27.78 3.80 -48.95
CA VAL C 13 -26.50 3.99 -48.28
C VAL C 13 -26.75 4.41 -46.83
N ALA C 14 -27.67 5.37 -46.62
CA ALA C 14 -28.06 5.92 -45.32
C ALA C 14 -28.58 4.84 -44.37
N ILE C 15 -29.44 3.93 -44.87
CA ILE C 15 -29.98 2.80 -44.09
C ILE C 15 -28.84 1.88 -43.64
N ALA C 16 -27.97 1.49 -44.59
CA ALA C 16 -26.81 0.63 -44.39
C ALA C 16 -25.82 1.26 -43.42
N ALA C 17 -25.55 2.56 -43.56
CA ALA C 17 -24.65 3.32 -42.68
C ALA C 17 -25.20 3.40 -41.26
N ALA C 18 -26.52 3.69 -41.10
CA ALA C 18 -27.20 3.80 -39.80
C ALA C 18 -27.23 2.44 -39.12
N TYR C 19 -27.42 1.38 -39.93
CA TYR C 19 -27.42 0.00 -39.47
C TYR C 19 -26.05 -0.35 -38.88
N ASN C 20 -24.99 -0.06 -39.66
CA ASN C 20 -23.58 -0.26 -39.33
C ASN C 20 -23.18 0.50 -38.03
N ASN C 21 -23.57 1.77 -37.90
CA ASN C 21 -23.28 2.55 -36.70
C ASN C 21 -23.95 1.94 -35.46
N GLY C 22 -25.20 1.49 -35.64
CA GLY C 22 -25.99 0.82 -34.60
C GLY C 22 -25.28 -0.43 -34.06
N GLN C 23 -24.58 -1.16 -34.94
CA GLN C 23 -23.83 -2.37 -34.57
C GLN C 23 -22.58 -1.99 -33.82
N GLU C 24 -22.01 -0.81 -34.13
CA GLU C 24 -20.81 -0.38 -33.42
C GLU C 24 -21.14 -0.01 -31.97
N ILE C 25 -22.35 0.55 -31.74
CA ILE C 25 -22.88 0.95 -30.44
C ILE C 25 -23.41 -0.26 -29.68
N ASN C 26 -24.23 -1.12 -30.35
CA ASN C 26 -24.92 -2.25 -29.72
C ASN C 26 -24.35 -3.67 -29.95
N GLY C 27 -23.36 -3.82 -30.82
CA GLY C 27 -22.73 -5.12 -31.08
C GLY C 27 -23.28 -5.95 -32.23
N PHE C 28 -22.57 -7.06 -32.52
CA PHE C 28 -22.90 -8.06 -33.55
C PHE C 28 -22.34 -9.44 -33.15
N LYS C 29 -22.92 -10.53 -33.70
CA LYS C 29 -22.49 -11.92 -33.46
C LYS C 29 -22.35 -12.67 -34.79
N ALA C 30 -21.72 -13.87 -34.79
CA ALA C 30 -21.56 -14.68 -36.00
C ALA C 30 -22.94 -15.09 -36.54
N GLY C 31 -23.16 -14.85 -37.83
CA GLY C 31 -24.42 -15.13 -38.51
C GLY C 31 -25.21 -13.89 -38.84
N GLU C 32 -25.21 -12.91 -37.90
CA GLU C 32 -25.90 -11.60 -38.00
C GLU C 32 -25.48 -10.87 -39.27
N THR C 33 -26.46 -10.24 -39.99
CA THR C 33 -26.20 -9.49 -41.22
C THR C 33 -25.34 -8.24 -40.98
N ILE C 34 -24.27 -8.08 -41.78
CA ILE C 34 -23.37 -6.93 -41.73
C ILE C 34 -23.29 -6.31 -43.11
N TYR C 35 -23.16 -4.98 -43.18
CA TYR C 35 -23.09 -4.31 -44.46
C TYR C 35 -21.73 -3.65 -44.66
N ASP C 36 -21.12 -3.89 -45.81
CA ASP C 36 -19.83 -3.29 -46.16
C ASP C 36 -20.10 -2.25 -47.23
N ILE C 37 -19.81 -0.98 -46.93
CA ILE C 37 -20.04 0.10 -47.90
C ILE C 37 -18.73 0.51 -48.56
N ASP C 38 -18.73 0.46 -49.90
CA ASP C 38 -17.63 0.82 -50.80
C ASP C 38 -17.44 2.34 -50.80
N GLU C 39 -16.25 2.79 -51.26
CA GLU C 39 -15.92 4.19 -51.50
C GLU C 39 -16.82 4.67 -52.66
N ASP C 40 -17.15 3.73 -53.58
CA ASP C 40 -18.04 3.88 -54.75
C ASP C 40 -19.52 3.96 -54.34
N GLY C 41 -19.81 3.75 -53.06
CA GLY C 41 -21.16 3.76 -52.50
C GLY C 41 -21.90 2.46 -52.76
N THR C 42 -21.14 1.41 -53.13
CA THR C 42 -21.67 0.06 -53.41
C THR C 42 -21.85 -0.68 -52.08
N ILE C 43 -23.09 -1.12 -51.79
CA ILE C 43 -23.39 -1.81 -50.55
C ILE C 43 -23.39 -3.31 -50.76
N THR C 44 -22.61 -4.03 -49.93
CA THR C 44 -22.50 -5.48 -49.98
C THR C 44 -23.14 -6.07 -48.71
N LYS C 45 -24.13 -6.96 -48.89
CA LYS C 45 -24.85 -7.65 -47.81
C LYS C 45 -24.14 -8.98 -47.52
N LYS C 46 -23.37 -9.01 -46.42
CA LYS C 46 -22.62 -10.20 -46.00
C LYS C 46 -23.21 -10.75 -44.70
N ASP C 47 -22.58 -11.78 -44.14
CA ASP C 47 -22.97 -12.38 -42.87
C ASP C 47 -21.70 -12.46 -42.04
N ALA C 48 -21.73 -11.88 -40.83
CA ALA C 48 -20.61 -11.84 -39.92
C ALA C 48 -20.09 -13.23 -39.64
N THR C 49 -18.81 -13.48 -39.95
CA THR C 49 -18.19 -14.78 -39.71
C THR C 49 -17.59 -14.78 -38.31
N ALA C 50 -17.01 -15.92 -37.89
CA ALA C 50 -16.35 -16.05 -36.58
C ALA C 50 -15.06 -15.18 -36.57
N ALA C 51 -14.49 -14.94 -37.78
CA ALA C 51 -13.30 -14.11 -38.03
C ALA C 51 -13.62 -12.62 -37.78
N ASP C 52 -14.71 -12.12 -38.41
CA ASP C 52 -15.23 -10.76 -38.27
C ASP C 52 -15.44 -10.43 -36.79
N VAL C 53 -16.03 -11.37 -36.03
CA VAL C 53 -16.30 -11.26 -34.59
C VAL C 53 -15.00 -11.30 -33.77
N GLU C 54 -14.19 -12.39 -33.87
CA GLU C 54 -12.94 -12.55 -33.10
C GLU C 54 -11.89 -11.47 -33.37
N ALA C 55 -11.82 -10.97 -34.61
CA ALA C 55 -10.86 -9.91 -34.94
C ALA C 55 -11.48 -8.50 -35.03
N ASP C 56 -12.53 -8.24 -34.21
CA ASP C 56 -13.19 -6.94 -34.08
C ASP C 56 -12.63 -6.30 -32.81
N ASP C 57 -12.50 -4.94 -32.81
CA ASP C 57 -11.96 -4.12 -31.72
C ASP C 57 -12.43 -4.57 -30.32
N PHE C 58 -13.73 -4.84 -30.16
CA PHE C 58 -14.37 -5.26 -28.90
C PHE C 58 -15.01 -6.65 -29.01
N LYS C 59 -14.66 -7.39 -30.07
CA LYS C 59 -15.13 -8.75 -30.40
C LYS C 59 -16.68 -8.82 -30.46
N GLY C 60 -17.26 -7.88 -31.21
CA GLY C 60 -18.70 -7.73 -31.44
C GLY C 60 -19.56 -7.35 -30.25
N LEU C 61 -18.96 -6.91 -29.13
CA LEU C 61 -19.70 -6.51 -27.92
C LEU C 61 -20.49 -5.19 -28.07
N GLY C 62 -19.90 -4.24 -28.81
CA GLY C 62 -20.47 -2.92 -29.01
C GLY C 62 -19.98 -1.98 -27.95
N LEU C 63 -19.97 -0.68 -28.25
CA LEU C 63 -19.48 0.35 -27.34
C LEU C 63 -20.20 0.38 -25.98
N LYS C 64 -21.54 0.23 -25.95
CA LYS C 64 -22.31 0.26 -24.71
C LYS C 64 -21.86 -0.82 -23.70
N LYS C 65 -21.82 -2.09 -24.15
CA LYS C 65 -21.43 -3.24 -23.34
C LYS C 65 -19.99 -3.13 -22.79
N VAL C 66 -19.05 -2.68 -23.64
CA VAL C 66 -17.65 -2.48 -23.25
C VAL C 66 -17.53 -1.44 -22.14
N VAL C 67 -18.08 -0.24 -22.35
CA VAL C 67 -18.08 0.86 -21.40
C VAL C 67 -18.75 0.46 -20.06
N THR C 68 -19.84 -0.34 -20.12
CA THR C 68 -20.56 -0.83 -18.95
C THR C 68 -19.63 -1.74 -18.13
N ASN C 69 -18.95 -2.67 -18.83
CA ASN C 69 -18.00 -3.63 -18.24
C ASN C 69 -16.79 -2.92 -17.69
N LEU C 70 -16.26 -1.91 -18.40
CA LEU C 70 -15.12 -1.10 -17.98
C LEU C 70 -15.43 -0.35 -16.69
N THR C 71 -16.66 0.18 -16.54
CA THR C 71 -17.14 0.85 -15.33
C THR C 71 -17.11 -0.13 -14.15
N LYS C 72 -17.49 -1.41 -14.41
CA LYS C 72 -17.49 -2.50 -13.44
C LYS C 72 -16.04 -2.79 -13.01
N THR C 73 -15.10 -2.87 -13.98
CA THR C 73 -13.68 -3.12 -13.73
C THR C 73 -13.07 -2.00 -12.89
N VAL C 74 -13.29 -0.72 -13.25
CA VAL C 74 -12.76 0.45 -12.57
C VAL C 74 -13.14 0.45 -11.08
N ASN C 75 -14.43 0.23 -10.78
CA ASN C 75 -14.97 0.20 -9.42
C ASN C 75 -14.48 -1.01 -8.62
N GLU C 76 -14.39 -2.19 -9.26
CA GLU C 76 -13.92 -3.44 -8.66
C GLU C 76 -12.43 -3.31 -8.31
N ASN C 77 -11.62 -2.75 -9.23
CA ASN C 77 -10.19 -2.50 -9.03
C ASN C 77 -9.95 -1.48 -7.90
N LYS C 78 -10.86 -0.50 -7.72
CA LYS C 78 -10.77 0.49 -6.64
C LYS C 78 -11.11 -0.15 -5.29
N GLN C 79 -12.16 -0.99 -5.23
CA GLN C 79 -12.54 -1.70 -4.00
C GLN C 79 -11.41 -2.65 -3.58
N ASN C 80 -10.84 -3.39 -4.55
CA ASN C 80 -9.76 -4.35 -4.34
C ASN C 80 -8.49 -3.72 -3.79
N VAL C 81 -8.05 -2.58 -4.35
CA VAL C 81 -6.83 -1.91 -3.90
C VAL C 81 -7.06 -1.18 -2.58
N ASP C 82 -8.27 -0.60 -2.37
CA ASP C 82 -8.61 0.12 -1.13
C ASP C 82 -8.50 -0.80 0.09
N ALA C 83 -8.88 -2.09 -0.07
CA ALA C 83 -8.85 -3.14 0.94
C ALA C 83 -7.44 -3.69 1.17
N LYS C 84 -6.60 -3.73 0.12
CA LYS C 84 -5.22 -4.19 0.21
C LYS C 84 -4.42 -3.14 0.98
N VAL C 85 -4.68 -1.85 0.69
CA VAL C 85 -4.05 -0.70 1.34
C VAL C 85 -4.51 -0.60 2.81
N LYS C 86 -5.80 -0.93 3.09
CA LYS C 86 -6.33 -0.91 4.46
C LYS C 86 -5.70 -2.03 5.29
N ALA C 87 -5.39 -3.17 4.64
CA ALA C 87 -4.73 -4.33 5.25
C ALA C 87 -3.28 -3.97 5.63
N ALA C 88 -2.51 -3.42 4.68
CA ALA C 88 -1.13 -2.98 4.85
C ALA C 88 -1.00 -1.94 5.97
N GLU C 89 -1.93 -0.98 6.02
CA GLU C 89 -1.96 0.07 7.04
C GLU C 89 -2.23 -0.49 8.44
N SER C 90 -3.01 -1.58 8.54
CA SER C 90 -3.33 -2.24 9.82
C SER C 90 -2.08 -2.98 10.32
N GLU C 91 -1.30 -3.56 9.39
CA GLU C 91 -0.04 -4.25 9.67
C GLU C 91 0.96 -3.23 10.18
N ILE C 92 1.02 -2.04 9.54
CA ILE C 92 1.86 -0.91 9.92
C ILE C 92 1.48 -0.43 11.32
N GLU C 93 0.18 -0.32 11.62
CA GLU C 93 -0.31 0.12 12.92
C GLU C 93 0.12 -0.85 14.04
N LYS C 94 0.06 -2.17 13.77
CA LYS C 94 0.45 -3.20 14.72
C LYS C 94 1.98 -3.25 14.96
N LEU C 95 2.79 -2.94 13.91
CA LEU C 95 4.24 -2.90 13.99
C LEU C 95 4.68 -1.68 14.81
N THR C 96 3.92 -0.58 14.72
CA THR C 96 4.16 0.69 15.43
C THR C 96 3.96 0.47 16.94
N THR C 97 2.85 -0.17 17.32
CA THR C 97 2.52 -0.41 18.71
C THR C 97 3.54 -1.40 19.33
N LYS C 98 3.97 -2.44 18.58
CA LYS C 98 4.93 -3.44 19.04
C LYS C 98 6.31 -2.81 19.20
N LEU C 99 6.72 -1.95 18.26
CA LEU C 99 8.03 -1.26 18.33
C LEU C 99 8.06 -0.30 19.51
N ALA C 100 6.92 0.34 19.83
CA ALA C 100 6.80 1.25 20.97
C ALA C 100 6.91 0.47 22.31
N ASP C 101 6.38 -0.77 22.34
CA ASP C 101 6.42 -1.66 23.49
C ASP C 101 7.85 -2.20 23.70
N THR C 102 8.60 -2.40 22.58
CA THR C 102 9.96 -2.88 22.58
C THR C 102 10.89 -1.82 23.16
N ASP C 103 10.72 -0.56 22.70
CA ASP C 103 11.51 0.58 23.14
C ASP C 103 11.29 0.86 24.62
N ALA C 104 10.04 0.62 25.10
CA ALA C 104 9.66 0.81 26.50
C ALA C 104 10.35 -0.23 27.38
N ALA C 105 10.36 -1.50 26.95
CA ALA C 105 11.00 -2.61 27.64
C ALA C 105 12.54 -2.44 27.67
N LEU C 106 13.12 -1.86 26.61
CA LEU C 106 14.55 -1.59 26.55
C LEU C 106 14.92 -0.47 27.54
N ALA C 107 14.08 0.57 27.64
CA ALA C 107 14.30 1.68 28.58
C ALA C 107 14.31 1.15 30.02
N ASP C 108 13.48 0.12 30.31
CA ASP C 108 13.38 -0.52 31.64
C ASP C 108 14.63 -1.36 31.93
N THR C 109 15.14 -2.09 30.90
CA THR C 109 16.34 -2.89 30.92
C THR C 109 17.54 -2.01 31.27
N ASP C 110 17.65 -0.85 30.60
CA ASP C 110 18.72 0.12 30.84
C ASP C 110 18.71 0.68 32.25
N ALA C 111 17.51 0.99 32.78
CA ALA C 111 17.33 1.48 34.15
C ALA C 111 17.76 0.41 35.15
N ALA C 112 17.38 -0.86 34.91
CA ALA C 112 17.76 -2.00 35.75
C ALA C 112 19.29 -2.26 35.65
N LEU C 113 19.86 -2.13 34.44
CA LEU C 113 21.28 -2.34 34.26
C LEU C 113 22.06 -1.28 35.03
N ASP C 114 21.64 -0.01 34.92
CA ASP C 114 22.26 1.11 35.68
C ASP C 114 22.14 0.90 37.19
N ALA C 115 20.99 0.43 37.69
CA ALA C 115 20.89 0.12 39.11
C ALA C 115 21.89 -1.00 39.52
N THR C 116 22.01 -2.10 38.70
CA THR C 116 22.99 -3.19 38.96
C THR C 116 24.43 -2.69 38.93
N THR C 117 24.80 -1.90 37.92
CA THR C 117 26.15 -1.30 37.83
C THR C 117 26.49 -0.45 39.02
N ASN C 118 25.54 0.40 39.47
CA ASN C 118 25.74 1.24 40.66
C ASN C 118 25.93 0.44 41.95
N ALA C 119 25.11 -0.62 42.17
CA ALA C 119 25.24 -1.52 43.35
C ALA C 119 26.57 -2.27 43.33
N LEU C 120 27.04 -2.66 42.14
CA LEU C 120 28.34 -3.34 41.97
C LEU C 120 29.52 -2.39 42.38
N ASN C 121 29.45 -1.14 41.95
CA ASN C 121 30.45 -0.13 42.27
C ASN C 121 30.48 0.18 43.75
N LYS C 122 29.30 0.27 44.40
CA LYS C 122 29.21 0.53 45.85
C LYS C 122 29.79 -0.64 46.61
N LEU C 123 29.44 -1.87 46.20
CA LEU C 123 29.97 -3.07 46.84
C LEU C 123 31.49 -3.11 46.70
N GLY C 124 32.02 -2.82 45.50
CA GLY C 124 33.47 -2.75 45.32
C GLY C 124 34.12 -1.74 46.25
N GLU C 125 33.52 -0.52 46.42
CA GLU C 125 34.06 0.49 47.35
C GLU C 125 34.00 0.01 48.81
N ASN C 126 32.90 -0.62 49.21
CA ASN C 126 32.72 -1.15 50.57
C ASN C 126 33.71 -2.25 50.91
N ILE C 127 34.01 -3.22 50.00
CA ILE C 127 35.04 -4.22 50.33
C ILE C 127 36.40 -3.66 50.29
N THR C 128 36.69 -2.66 49.43
CA THR C 128 38.01 -2.08 49.45
C THR C 128 38.29 -1.49 50.85
N THR C 129 37.33 -0.71 51.44
CA THR C 129 37.53 -0.13 52.77
C THR C 129 37.72 -1.22 53.84
N PHE C 130 36.83 -2.24 53.85
CA PHE C 130 36.91 -3.36 54.78
C PHE C 130 38.25 -4.09 54.66
N ALA C 131 38.72 -4.32 53.42
CA ALA C 131 39.98 -5.01 53.16
C ALA C 131 41.13 -4.15 53.68
N GLU C 132 41.03 -2.83 53.52
CA GLU C 132 42.06 -1.88 54.03
C GLU C 132 42.07 -1.89 55.56
N GLU C 133 40.89 -1.90 56.23
CA GLU C 133 40.83 -1.94 57.69
C GLU C 133 41.25 -3.27 58.25
N THR C 134 40.96 -4.38 57.55
CA THR C 134 41.46 -5.71 57.96
C THR C 134 42.98 -5.77 57.90
N LYS C 135 43.61 -5.30 56.80
CA LYS C 135 45.05 -5.31 56.67
C LYS C 135 45.69 -4.51 57.84
N THR C 136 45.18 -3.31 58.12
CA THR C 136 45.63 -2.47 59.22
C THR C 136 45.60 -3.23 60.54
N ASN C 137 44.46 -3.88 60.89
CA ASN C 137 44.29 -4.65 62.11
C ASN C 137 45.22 -5.84 62.24
N ILE C 138 45.42 -6.62 61.17
CA ILE C 138 46.30 -7.77 61.20
C ILE C 138 47.74 -7.32 61.42
N VAL C 139 48.13 -6.22 60.76
CA VAL C 139 49.45 -5.63 60.87
C VAL C 139 49.69 -5.12 62.33
N LYS C 140 48.71 -4.45 62.97
CA LYS C 140 48.81 -4.03 64.38
C LYS C 140 49.03 -5.24 65.33
N ILE C 141 48.23 -6.31 65.20
CA ILE C 141 48.36 -7.54 66.00
C ILE C 141 49.76 -8.17 65.78
N ASP C 142 50.23 -8.23 64.52
CA ASP C 142 51.52 -8.80 64.17
C ASP C 142 52.65 -8.08 64.89
N GLU C 143 52.55 -6.74 65.02
CA GLU C 143 53.47 -5.87 65.72
C GLU C 143 53.40 -6.13 67.22
N LYS C 144 52.18 -6.26 67.79
CA LYS C 144 51.95 -6.59 69.21
C LYS C 144 52.60 -7.97 69.52
N LEU C 145 52.52 -8.93 68.59
CA LEU C 145 53.11 -10.25 68.78
C LEU C 145 54.65 -10.21 68.65
N GLU C 146 55.18 -9.52 67.61
CA GLU C 146 56.62 -9.33 67.32
C GLU C 146 57.34 -8.59 68.44
N ALA C 147 56.60 -7.73 69.19
CA ALA C 147 57.09 -6.96 70.34
C ALA C 147 57.22 -7.91 71.54
N ALA C 148 56.13 -8.63 71.89
CA ALA C 148 56.07 -9.59 73.02
C ALA C 148 57.06 -10.79 72.90
N SER C 149 57.95 -10.79 71.86
CA SER C 149 59.01 -11.76 71.54
C SER C 149 58.65 -13.23 71.78
#